data_5LCT
#
_entry.id   5LCT
#
_cell.length_a   59.014
_cell.length_b   73.700
_cell.length_c   109.837
_cell.angle_alpha   90.00
_cell.angle_beta   90.00
_cell.angle_gamma   90.00
#
_symmetry.space_group_name_H-M   'P 21 21 21'
#
loop_
_entity.id
_entity.type
_entity.pdbx_description
1 polymer 'cAMP-dependent protein kinase catalytic subunit alpha'
2 polymer 'cAMP-dependent protein kinase inhibitor alpha'
3 non-polymer 5-[(2~{R})-2-methylpiperazin-1-yl]sulfonylisoquinoline
4 non-polymer (4S)-2-METHYL-2,4-PENTANEDIOL
5 non-polymer METHANOL
6 water water
#
loop_
_entity_poly.entity_id
_entity_poly.type
_entity_poly.pdbx_seq_one_letter_code
_entity_poly.pdbx_strand_id
1 'polypeptide(L)'
;GHMGNAAAAKKG(SEP)EQESVKEFLAKAKEEFLKKWESPSQNTAQLDHFDRIKTLGTGSFGRVMLVKHKETGNHYAMKI
LDKQKVVKLKQIEHTLNEKRILQAVNFPFLVKLEFSFKDNSNLYMVMEYVPGGEMFSHLRRIGRFSEPHARFYAAQIVLT
FEYLHSLDLIYRDLKPENLLIDQQGYIQVTDFGFAKRVKGRTW(TPO)LCGTPEYLAPEIILSKGYNKAVDWWALGVLIY
EMAAGYPPFFADQPIQIYEKIVSGKVRFPSHFSSDLKDLLRNLLQVDLTKRFGNLKNGVNDIKNHKWFATTDWIAIYQRK
VEAPFIPKFKGPGDTSNFDDYEEEEIRV(SEP)INEKCGKEFTEF
;
A
2 'polypeptide(L)' TTYADFIASGRTGRRNAIHD B
#
loop_
_chem_comp.id
_chem_comp.type
_chem_comp.name
_chem_comp.formula
6TY non-polymer 5-[(2~{R})-2-methylpiperazin-1-yl]sulfonylisoquinoline 'C14 H17 N3 O2 S'
MOH non-polymer METHANOL 'C H4 O'
MPD non-polymer (4S)-2-METHYL-2,4-PENTANEDIOL 'C6 H14 O2'
#
# COMPACT_ATOMS: atom_id res chain seq x y z
N GLY A 1 -5.13 -12.02 -35.83
CA GLY A 1 -5.36 -11.72 -34.39
C GLY A 1 -4.76 -10.38 -34.03
N HIS A 2 -4.71 -10.08 -32.74
CA HIS A 2 -4.21 -8.78 -32.32
C HIS A 2 -2.69 -8.69 -32.40
N MET A 3 -1.98 -9.80 -32.23
CA MET A 3 -0.52 -9.83 -32.28
C MET A 3 -0.03 -10.64 -33.47
N GLY A 4 0.94 -10.08 -34.19
CA GLY A 4 1.75 -10.83 -35.12
C GLY A 4 2.68 -11.79 -34.38
N ASN A 5 3.42 -12.57 -35.17
CA ASN A 5 4.19 -13.69 -34.62
C ASN A 5 5.28 -13.20 -33.65
N ALA A 6 5.98 -12.12 -34.00
CA ALA A 6 7.08 -11.64 -33.16
C ALA A 6 6.56 -11.11 -31.84
N ALA A 7 5.49 -10.33 -31.89
CA ALA A 7 4.91 -9.77 -30.68
C ALA A 7 4.37 -10.87 -29.78
N ALA A 8 3.73 -11.90 -30.38
CA ALA A 8 3.16 -12.96 -29.57
C ALA A 8 4.26 -13.78 -28.89
N ALA A 9 5.35 -14.05 -29.61
CA ALA A 9 6.45 -14.79 -29.03
C ALA A 9 7.12 -14.01 -27.91
N LYS A 10 7.25 -12.70 -28.09
CA LYS A 10 7.86 -11.86 -27.07
C LYS A 10 7.00 -11.85 -25.80
N LYS A 11 5.68 -11.70 -25.96
CA LYS A 11 4.80 -11.67 -24.80
C LYS A 11 4.78 -13.02 -24.09
N GLY A 12 4.77 -14.12 -24.85
CA GLY A 12 4.80 -15.44 -24.25
C GLY A 12 6.05 -15.66 -23.40
N SEP A 13 7.21 -15.34 -23.96
CA SEP A 13 8.47 -15.48 -23.23
CB SEP A 13 9.64 -15.12 -24.16
OG SEP A 13 10.82 -15.00 -23.41
C SEP A 13 8.49 -14.61 -21.97
O SEP A 13 8.98 -15.06 -20.91
P SEP A 13 12.18 -15.50 -24.16
O1P SEP A 13 13.34 -15.07 -23.18
O2P SEP A 13 12.29 -14.78 -25.58
O3P SEP A 13 12.10 -17.09 -24.33
H SEP A 13 7.29 -15.04 -24.75
HA SEP A 13 8.58 -16.42 -22.96
HB2 SEP A 13 9.45 -14.29 -24.60
HB3 SEP A 13 9.75 -15.83 -24.81
N GLU A 14 7.98 -13.39 -22.07
CA GLU A 14 7.91 -12.48 -20.92
C GLU A 14 7.05 -13.07 -19.78
N GLN A 15 5.91 -13.65 -20.13
CA GLN A 15 5.04 -14.23 -19.12
C GLN A 15 5.67 -15.46 -18.47
N GLU A 16 6.41 -16.26 -19.25
CA GLU A 16 7.11 -17.40 -18.67
C GLU A 16 8.21 -16.94 -17.72
N SER A 17 8.90 -15.85 -18.06
CA SER A 17 9.95 -15.34 -17.20
C SER A 17 9.40 -14.84 -15.87
N VAL A 18 8.20 -14.26 -15.89
CA VAL A 18 7.57 -13.85 -14.64
C VAL A 18 7.41 -15.06 -13.73
N LYS A 19 6.90 -16.17 -14.29
CA LYS A 19 6.71 -17.38 -13.48
C LYS A 19 8.02 -17.82 -12.85
N GLU A 20 9.11 -17.76 -13.62
CA GLU A 20 10.41 -18.18 -13.11
C GLU A 20 10.89 -17.27 -11.98
N PHE A 21 10.75 -15.96 -12.13
CA PHE A 21 11.07 -15.01 -11.08
C PHE A 21 10.27 -15.29 -9.81
N LEU A 22 8.96 -15.47 -9.95
CA LEU A 22 8.10 -15.63 -8.78
C LEU A 22 8.41 -16.92 -8.03
N ALA A 23 8.75 -17.99 -8.75
CA ALA A 23 9.08 -19.23 -8.07
C ALA A 23 10.32 -19.05 -7.19
N LYS A 24 11.32 -18.32 -7.68
CA LYS A 24 12.49 -18.09 -6.85
C LYS A 24 12.19 -17.15 -5.69
N ALA A 25 11.36 -16.14 -5.92
CA ALA A 25 11.04 -15.20 -4.85
C ALA A 25 10.27 -15.88 -3.73
N LYS A 26 9.43 -16.86 -4.08
CA LYS A 26 8.69 -17.60 -3.07
C LYS A 26 9.64 -18.44 -2.23
N GLU A 27 10.60 -19.10 -2.88
CA GLU A 27 11.60 -19.85 -2.13
C GLU A 27 12.32 -18.96 -1.13
N GLU A 28 12.72 -17.75 -1.55
CA GLU A 28 13.47 -16.87 -0.67
C GLU A 28 12.61 -16.38 0.47
N PHE A 29 11.34 -16.04 0.17
CA PHE A 29 10.41 -15.59 1.21
C PHE A 29 10.21 -16.67 2.27
N LEU A 30 9.99 -17.91 1.86
CA LEU A 30 9.67 -18.96 2.83
C LEU A 30 10.86 -19.26 3.74
N LYS A 31 12.09 -19.11 3.23
CA LYS A 31 13.26 -19.26 4.10
C LYS A 31 13.25 -18.25 5.24
N LYS A 32 13.05 -16.96 4.90
CA LYS A 32 13.05 -15.90 5.90
C LYS A 32 11.81 -15.96 6.78
N TRP A 33 10.68 -16.39 6.22
CA TRP A 33 9.46 -16.49 7.01
C TRP A 33 9.61 -17.51 8.13
N GLU A 34 10.30 -18.62 7.84
CA GLU A 34 10.51 -19.70 8.79
C GLU A 34 11.60 -19.40 9.80
N SER A 35 12.45 -18.39 9.56
CA SER A 35 13.55 -18.06 10.46
C SER A 35 13.75 -16.55 10.55
N PRO A 36 12.88 -15.84 11.26
CA PRO A 36 12.94 -14.37 11.25
C PRO A 36 14.10 -13.83 12.06
N SER A 37 14.41 -12.55 11.82
CA SER A 37 15.44 -11.84 12.55
C SER A 37 14.84 -11.10 13.75
N GLN A 38 15.70 -10.74 14.69
CA GLN A 38 15.24 -10.11 15.92
C GLN A 38 16.39 -9.31 16.53
N ASN A 39 16.02 -8.38 17.42
CA ASN A 39 16.94 -7.70 18.35
C ASN A 39 18.21 -7.21 17.65
N THR A 40 18.03 -6.48 16.56
CA THR A 40 19.15 -6.04 15.73
C THR A 40 19.62 -4.61 16.07
N ALA A 41 19.13 -3.98 17.15
CA ALA A 41 19.59 -2.65 17.55
C ALA A 41 19.01 -2.29 18.92
N GLN A 42 19.29 -1.06 19.37
CA GLN A 42 18.73 -0.53 20.62
C GLN A 42 18.46 0.97 20.50
N LEU A 43 17.67 1.49 21.46
CA LEU A 43 17.13 2.84 21.35
C LEU A 43 18.22 3.91 21.37
N ASP A 44 19.23 3.77 22.24
CA ASP A 44 20.22 4.84 22.30
C ASP A 44 21.22 4.79 21.14
N HIS A 45 21.00 3.91 20.15
CA HIS A 45 21.72 3.98 18.88
C HIS A 45 21.23 5.10 17.98
N PHE A 46 20.12 5.76 18.31
CA PHE A 46 19.49 6.73 17.43
C PHE A 46 19.18 8.02 18.17
N ASP A 47 19.31 9.14 17.47
CA ASP A 47 18.77 10.42 17.92
C ASP A 47 17.39 10.61 17.30
N ARG A 48 16.42 11.01 18.12
CA ARG A 48 15.06 11.23 17.65
C ARG A 48 14.89 12.70 17.25
N ILE A 49 14.34 12.95 16.06
CA ILE A 49 14.35 14.27 15.45
C ILE A 49 12.95 14.89 15.37
N LYS A 50 11.99 14.18 14.80
CA LYS A 50 10.69 14.78 14.51
C LYS A 50 9.64 13.70 14.25
N THR A 51 8.40 13.95 14.67
CA THR A 51 7.31 13.03 14.39
C THR A 51 6.83 13.22 12.95
N LEU A 52 6.76 12.10 12.22
CA LEU A 52 6.32 12.09 10.83
C LEU A 52 4.85 11.71 10.66
N GLY A 53 4.28 11.01 11.62
CA GLY A 53 2.92 10.53 11.54
C GLY A 53 2.49 9.94 12.87
N THR A 54 1.18 9.99 13.13
CA THR A 54 0.59 9.45 14.35
C THR A 54 -0.69 8.71 14.01
N GLY A 55 -1.01 7.73 14.84
CA GLY A 55 -2.27 7.01 14.72
C GLY A 55 -2.57 6.36 16.05
N SER A 56 -3.64 5.56 16.07
CA SER A 56 -3.94 4.78 17.25
C SER A 56 -2.81 3.79 17.54
N PHE A 57 -2.04 3.39 16.51
CA PHE A 57 -0.93 2.46 16.71
C PHE A 57 0.14 3.04 17.63
N GLY A 58 0.47 4.32 17.43
CA GLY A 58 1.56 4.96 18.14
C GLY A 58 2.02 6.12 17.30
N ARG A 59 3.32 6.20 17.00
CA ARG A 59 3.79 7.25 16.09
C ARG A 59 4.99 6.74 15.31
N VAL A 60 5.32 7.47 14.25
CA VAL A 60 6.52 7.23 13.46
C VAL A 60 7.37 8.48 13.53
N MET A 61 8.65 8.32 13.90
CA MET A 61 9.57 9.44 14.03
C MET A 61 10.73 9.34 13.07
N LEU A 62 11.15 10.48 12.53
CA LEU A 62 12.47 10.56 11.89
C LEU A 62 13.54 10.45 12.96
N VAL A 63 14.49 9.54 12.73
CA VAL A 63 15.63 9.37 13.64
C VAL A 63 16.91 9.34 12.82
N LYS A 64 18.02 9.56 13.50
CA LYS A 64 19.34 9.52 12.90
C LYS A 64 20.20 8.50 13.64
N HIS A 65 20.76 7.56 12.90
CA HIS A 65 21.62 6.53 13.49
C HIS A 65 22.96 7.16 13.83
N LYS A 66 23.38 7.02 15.09
CA LYS A 66 24.56 7.74 15.56
C LYS A 66 25.82 7.26 14.84
N GLU A 67 26.05 5.94 14.79
CA GLU A 67 27.30 5.43 14.21
C GLU A 67 27.44 5.83 12.75
N THR A 68 26.36 5.66 11.97
CA THR A 68 26.44 5.80 10.51
C THR A 68 25.99 7.15 10.01
N GLY A 69 25.19 7.89 10.78
CA GLY A 69 24.61 9.13 10.32
C GLY A 69 23.40 8.95 9.44
N ASN A 70 23.02 7.71 9.14
CA ASN A 70 21.88 7.47 8.28
C ASN A 70 20.58 7.84 8.98
N HIS A 71 19.64 8.40 8.21
CA HIS A 71 18.30 8.66 8.70
C HIS A 71 17.40 7.45 8.46
N TYR A 72 16.43 7.27 9.37
CA TYR A 72 15.46 6.18 9.31
C TYR A 72 14.11 6.68 9.83
N ALA A 73 13.04 5.94 9.53
CA ALA A 73 11.73 6.17 10.12
C ALA A 73 11.47 5.10 11.17
N MET A 74 11.27 5.50 12.42
N MET A 74 11.28 5.50 12.42
CA MET A 74 11.13 4.59 13.56
CA MET A 74 11.12 4.55 13.51
C MET A 74 9.67 4.57 14.00
C MET A 74 9.69 4.56 13.99
N LYS A 75 9.02 3.42 13.85
CA LYS A 75 7.66 3.23 14.32
C LYS A 75 7.73 2.77 15.77
N ILE A 76 7.04 3.51 16.66
CA ILE A 76 7.03 3.24 18.09
C ILE A 76 5.62 2.84 18.50
N LEU A 77 5.47 1.65 19.07
CA LEU A 77 4.18 1.14 19.53
C LEU A 77 4.20 0.93 21.04
N ASP A 78 3.18 1.47 21.72
CA ASP A 78 3.01 1.28 23.16
C ASP A 78 2.33 -0.07 23.41
N LYS A 79 3.04 -0.99 24.07
CA LYS A 79 2.51 -2.34 24.23
C LYS A 79 1.14 -2.33 24.91
N GLN A 80 0.99 -1.58 25.99
CA GLN A 80 -0.28 -1.60 26.70
C GLN A 80 -1.41 -1.11 25.80
N LYS A 81 -1.13 -0.12 24.95
CA LYS A 81 -2.18 0.35 24.04
C LYS A 81 -2.49 -0.67 22.95
N VAL A 82 -1.46 -1.37 22.44
CA VAL A 82 -1.71 -2.41 21.45
C VAL A 82 -2.66 -3.47 22.02
N VAL A 83 -2.45 -3.87 23.27
CA VAL A 83 -3.33 -4.85 23.91
C VAL A 83 -4.75 -4.30 24.05
N LYS A 84 -4.87 -3.08 24.58
CA LYS A 84 -6.20 -2.51 24.78
C LYS A 84 -6.96 -2.41 23.46
N LEU A 85 -6.25 -2.18 22.36
CA LEU A 85 -6.87 -2.04 21.05
C LEU A 85 -7.03 -3.36 20.32
N LYS A 86 -6.67 -4.48 20.95
CA LYS A 86 -6.85 -5.81 20.38
C LYS A 86 -6.01 -6.00 19.11
N GLN A 87 -4.77 -5.49 19.12
CA GLN A 87 -3.95 -5.49 17.92
C GLN A 87 -2.66 -6.31 18.07
N ILE A 88 -2.62 -7.25 19.02
CA ILE A 88 -1.41 -8.06 19.23
C ILE A 88 -1.06 -8.85 17.98
N GLU A 89 -2.01 -9.62 17.46
CA GLU A 89 -1.70 -10.46 16.30
C GLU A 89 -1.30 -9.62 15.09
N HIS A 90 -2.02 -8.52 14.84
CA HIS A 90 -1.71 -7.65 13.70
C HIS A 90 -0.29 -7.11 13.79
N THR A 91 0.14 -6.71 14.99
CA THR A 91 1.44 -6.10 15.17
C THR A 91 2.56 -7.13 14.95
N LEU A 92 2.42 -8.32 15.54
CA LEU A 92 3.41 -9.37 15.31
C LEU A 92 3.44 -9.78 13.84
N ASN A 93 2.26 -9.82 13.20
CA ASN A 93 2.18 -10.19 11.78
C ASN A 93 2.87 -9.15 10.90
N GLU A 94 2.63 -7.86 11.17
CA GLU A 94 3.28 -6.81 10.38
C GLU A 94 4.79 -6.98 10.38
N LYS A 95 5.39 -7.19 11.56
CA LYS A 95 6.84 -7.32 11.65
C LYS A 95 7.33 -8.56 10.93
N ARG A 96 6.60 -9.67 11.09
CA ARG A 96 7.02 -10.91 10.45
C ARG A 96 6.96 -10.79 8.92
N ILE A 97 5.94 -10.11 8.39
CA ILE A 97 5.88 -9.92 6.94
C ILE A 97 7.02 -9.02 6.47
N LEU A 98 7.22 -7.90 7.17
CA LEU A 98 8.22 -6.94 6.71
C LEU A 98 9.63 -7.52 6.70
N GLN A 99 9.95 -8.37 7.66
CA GLN A 99 11.30 -8.93 7.69
C GLN A 99 11.50 -10.01 6.63
N ALA A 100 10.41 -10.56 6.05
CA ALA A 100 10.51 -11.68 5.13
C ALA A 100 10.39 -11.31 3.65
N VAL A 101 9.74 -10.18 3.32
CA VAL A 101 9.54 -9.79 1.93
C VAL A 101 10.75 -9.04 1.39
N ASN A 102 10.81 -8.94 0.07
CA ASN A 102 11.88 -8.21 -0.61
C ASN A 102 11.42 -7.84 -2.01
N PHE A 103 11.20 -6.54 -2.24
CA PHE A 103 10.72 -6.06 -3.53
C PHE A 103 10.99 -4.56 -3.61
N PRO A 104 11.26 -4.01 -4.80
CA PRO A 104 11.75 -2.63 -4.86
C PRO A 104 10.75 -1.58 -4.42
N PHE A 105 9.45 -1.91 -4.37
CA PHE A 105 8.42 -0.97 -3.96
C PHE A 105 7.82 -1.30 -2.60
N LEU A 106 8.46 -2.20 -1.83
CA LEU A 106 8.09 -2.49 -0.45
C LEU A 106 9.13 -1.94 0.50
N VAL A 107 8.70 -1.17 1.51
CA VAL A 107 9.66 -0.53 2.42
C VAL A 107 10.49 -1.59 3.14
N LYS A 108 11.75 -1.25 3.41
CA LYS A 108 12.67 -2.20 4.03
C LYS A 108 12.80 -1.94 5.52
N LEU A 109 12.56 -2.99 6.30
CA LEU A 109 12.81 -2.99 7.73
C LEU A 109 14.30 -3.21 7.95
N GLU A 110 14.94 -2.22 8.56
CA GLU A 110 16.37 -2.29 8.81
C GLU A 110 16.70 -2.80 10.22
N PHE A 111 15.90 -2.47 11.23
CA PHE A 111 16.13 -2.94 12.60
C PHE A 111 14.79 -3.12 13.29
N SER A 112 14.79 -3.98 14.31
CA SER A 112 13.66 -4.03 15.25
C SER A 112 14.18 -4.38 16.65
N PHE A 113 13.45 -3.92 17.67
CA PHE A 113 13.79 -4.20 19.06
C PHE A 113 12.61 -3.79 19.96
N LYS A 114 12.72 -4.10 21.25
CA LYS A 114 11.68 -3.76 22.19
C LYS A 114 12.31 -3.44 23.54
N ASP A 115 11.54 -2.76 24.39
CA ASP A 115 12.00 -2.49 25.76
C ASP A 115 10.80 -2.69 26.71
N ASN A 116 10.90 -2.13 27.92
CA ASN A 116 9.87 -2.39 28.92
C ASN A 116 8.49 -1.91 28.46
N SER A 117 8.42 -0.78 27.75
CA SER A 117 7.14 -0.17 27.45
C SER A 117 6.71 -0.27 25.99
N ASN A 118 7.66 -0.34 25.05
CA ASN A 118 7.36 -0.10 23.65
C ASN A 118 7.97 -1.17 22.74
N LEU A 119 7.42 -1.24 21.52
CA LEU A 119 7.97 -1.99 20.40
C LEU A 119 8.48 -1.00 19.37
N TYR A 120 9.58 -1.35 18.69
CA TYR A 120 10.22 -0.47 17.71
C TYR A 120 10.50 -1.19 16.40
N MET A 121 10.05 -0.59 15.29
CA MET A 121 10.39 -1.04 13.93
C MET A 121 11.06 0.12 13.21
N VAL A 122 12.31 -0.08 12.78
CA VAL A 122 13.11 0.98 12.14
C VAL A 122 13.18 0.67 10.65
N MET A 123 12.56 1.52 9.85
N MET A 123 12.49 1.49 9.85
CA MET A 123 12.43 1.35 8.41
CA MET A 123 12.41 1.36 8.41
C MET A 123 13.20 2.43 7.68
C MET A 123 13.35 2.35 7.73
N GLU A 124 13.58 2.15 6.43
CA GLU A 124 14.22 3.19 5.64
C GLU A 124 13.29 4.40 5.62
N TYR A 125 13.89 5.58 5.64
CA TYR A 125 13.16 6.83 5.56
C TYR A 125 12.85 7.14 4.10
N VAL A 126 11.57 7.34 3.81
CA VAL A 126 11.07 7.65 2.49
C VAL A 126 10.69 9.12 2.47
N PRO A 127 11.51 9.99 1.87
CA PRO A 127 11.41 11.43 2.15
C PRO A 127 10.35 12.20 1.35
N GLY A 128 9.72 11.57 0.37
CA GLY A 128 8.83 12.32 -0.52
C GLY A 128 7.42 12.56 0.00
N GLY A 129 7.06 11.96 1.14
CA GLY A 129 5.73 12.14 1.70
C GLY A 129 4.70 11.22 1.08
N GLU A 130 3.45 11.40 1.52
CA GLU A 130 2.35 10.56 1.06
C GLU A 130 1.86 10.98 -0.32
N MET A 131 1.50 9.98 -1.15
CA MET A 131 0.80 10.28 -2.41
C MET A 131 -0.44 11.13 -2.15
N PHE A 132 -1.16 10.84 -1.06
CA PHE A 132 -2.35 11.60 -0.71
C PHE A 132 -2.14 13.11 -0.79
N SER A 133 -1.06 13.61 -0.18
CA SER A 133 -0.82 15.05 -0.12
C SER A 133 -0.59 15.64 -1.50
N HIS A 134 0.24 14.96 -2.30
CA HIS A 134 0.51 15.42 -3.66
C HIS A 134 -0.75 15.41 -4.50
N LEU A 135 -1.58 14.37 -4.36
CA LEU A 135 -2.81 14.28 -5.14
C LEU A 135 -3.78 15.41 -4.80
N ARG A 136 -3.99 15.68 -3.50
CA ARG A 136 -4.90 16.77 -3.14
C ARG A 136 -4.37 18.13 -3.56
N ARG A 137 -3.04 18.31 -3.50
N ARG A 137 -3.04 18.30 -3.55
CA ARG A 137 -2.44 19.58 -3.88
CA ARG A 137 -2.45 19.59 -3.88
C ARG A 137 -2.56 19.81 -5.39
C ARG A 137 -2.47 19.85 -5.38
N ILE A 138 -2.05 18.86 -6.18
CA ILE A 138 -2.06 19.01 -7.64
C ILE A 138 -3.48 18.96 -8.17
N GLY A 139 -4.35 18.20 -7.51
CA GLY A 139 -5.73 18.06 -7.91
C GLY A 139 -6.03 16.69 -8.44
N ARG A 140 -5.39 16.35 -9.56
N ARG A 140 -5.43 16.39 -9.59
CA ARG A 140 -5.46 15.03 -10.16
CA ARG A 140 -5.47 15.06 -10.21
C ARG A 140 -4.23 14.84 -11.04
C ARG A 140 -4.14 14.84 -10.91
N PHE A 141 -3.87 13.57 -11.22
CA PHE A 141 -2.71 13.15 -12.01
C PHE A 141 -3.13 12.89 -13.46
N SER A 142 -2.28 13.27 -14.42
CA SER A 142 -2.50 12.91 -15.82
C SER A 142 -2.56 11.38 -15.95
N GLU A 143 -3.16 10.89 -17.04
CA GLU A 143 -3.20 9.44 -17.21
C GLU A 143 -1.80 8.83 -17.28
N PRO A 144 -0.80 9.41 -17.95
CA PRO A 144 0.56 8.82 -17.87
C PRO A 144 1.14 8.79 -16.47
N HIS A 145 0.85 9.83 -15.66
CA HIS A 145 1.34 9.91 -14.28
C HIS A 145 0.67 8.84 -13.42
N ALA A 146 -0.65 8.74 -13.52
CA ALA A 146 -1.41 7.71 -12.80
C ALA A 146 -0.96 6.32 -13.20
N ARG A 147 -0.67 6.13 -14.50
CA ARG A 147 -0.26 4.83 -15.04
C ARG A 147 1.09 4.38 -14.50
N PHE A 148 2.03 5.33 -14.33
CA PHE A 148 3.35 5.01 -13.79
C PHE A 148 3.23 4.46 -12.37
N TYR A 149 2.41 5.10 -11.52
CA TYR A 149 2.15 4.58 -10.18
C TYR A 149 1.38 3.26 -10.22
N ALA A 150 0.33 3.19 -11.05
CA ALA A 150 -0.48 1.97 -11.12
C ALA A 150 0.36 0.76 -11.49
N ALA A 151 1.30 0.92 -12.44
CA ALA A 151 2.14 -0.19 -12.85
C ALA A 151 2.92 -0.76 -11.67
N GLN A 152 3.43 0.12 -10.81
CA GLN A 152 4.17 -0.35 -9.63
C GLN A 152 3.26 -1.13 -8.67
N ILE A 153 2.03 -0.68 -8.49
CA ILE A 153 1.09 -1.45 -7.65
C ILE A 153 0.77 -2.81 -8.28
N VAL A 154 0.55 -2.86 -9.61
CA VAL A 154 0.27 -4.14 -10.27
C VAL A 154 1.42 -5.12 -10.02
N LEU A 155 2.67 -4.67 -10.20
CA LEU A 155 3.79 -5.59 -9.97
C LEU A 155 3.89 -6.00 -8.50
N THR A 156 3.65 -5.05 -7.58
CA THR A 156 3.75 -5.34 -6.15
C THR A 156 2.69 -6.36 -5.72
N PHE A 157 1.46 -6.22 -6.22
CA PHE A 157 0.42 -7.20 -5.91
C PHE A 157 0.70 -8.54 -6.59
N GLU A 158 1.25 -8.53 -7.81
CA GLU A 158 1.65 -9.78 -8.44
C GLU A 158 2.63 -10.54 -7.57
N TYR A 159 3.60 -9.83 -7.00
CA TYR A 159 4.56 -10.42 -6.06
C TYR A 159 3.86 -10.92 -4.79
N LEU A 160 3.13 -10.04 -4.11
CA LEU A 160 2.52 -10.43 -2.84
C LEU A 160 1.57 -11.61 -3.02
N HIS A 161 0.74 -11.58 -4.06
CA HIS A 161 -0.23 -12.65 -4.25
C HIS A 161 0.46 -13.98 -4.52
N SER A 162 1.61 -13.96 -5.20
CA SER A 162 2.33 -15.23 -5.42
C SER A 162 2.79 -15.85 -4.11
N LEU A 163 2.96 -15.03 -3.06
CA LEU A 163 3.31 -15.47 -1.73
C LEU A 163 2.09 -15.79 -0.88
N ASP A 164 0.90 -15.74 -1.48
CA ASP A 164 -0.39 -15.93 -0.80
C ASP A 164 -0.68 -14.84 0.22
N LEU A 165 -0.13 -13.65 0.02
CA LEU A 165 -0.45 -12.51 0.88
C LEU A 165 -1.49 -11.62 0.22
N ILE A 166 -2.59 -11.35 0.94
CA ILE A 166 -3.58 -10.36 0.55
C ILE A 166 -3.25 -9.08 1.32
N TYR A 167 -3.29 -7.93 0.63
CA TYR A 167 -2.80 -6.68 1.20
C TYR A 167 -3.86 -5.93 2.01
N ARG A 168 -5.02 -5.66 1.39
CA ARG A 168 -6.25 -5.16 2.01
C ARG A 168 -6.23 -3.72 2.52
N ASP A 169 -5.17 -2.95 2.33
CA ASP A 169 -5.05 -1.61 2.93
C ASP A 169 -4.63 -0.57 1.89
N LEU A 170 -4.95 -0.78 0.61
CA LEU A 170 -4.52 0.16 -0.44
C LEU A 170 -5.34 1.45 -0.40
N LYS A 171 -4.64 2.57 -0.41
CA LYS A 171 -5.22 3.91 -0.55
C LYS A 171 -4.07 4.92 -0.66
N PRO A 172 -4.31 6.13 -1.16
CA PRO A 172 -3.19 7.07 -1.34
C PRO A 172 -2.52 7.46 -0.02
N GLU A 173 -3.28 7.44 1.08
CA GLU A 173 -2.75 7.72 2.41
C GLU A 173 -1.63 6.77 2.81
N ASN A 174 -1.61 5.56 2.23
CA ASN A 174 -0.67 4.52 2.63
C ASN A 174 0.45 4.30 1.62
N LEU A 175 0.60 5.19 0.66
CA LEU A 175 1.62 5.08 -0.38
C LEU A 175 2.56 6.29 -0.26
N LEU A 176 3.85 6.03 -0.09
CA LEU A 176 4.85 7.08 -0.01
C LEU A 176 5.60 7.21 -1.34
N ILE A 177 6.16 8.40 -1.57
CA ILE A 177 6.96 8.67 -2.78
C ILE A 177 8.43 8.83 -2.36
N ASP A 178 9.32 8.10 -3.02
CA ASP A 178 10.73 8.13 -2.61
C ASP A 178 11.48 9.21 -3.41
N GLN A 179 12.79 9.30 -3.19
CA GLN A 179 13.56 10.39 -3.73
C GLN A 179 13.61 10.37 -5.25
N GLN A 180 13.45 9.20 -5.88
CA GLN A 180 13.44 9.08 -7.33
C GLN A 180 12.05 9.15 -7.93
N GLY A 181 11.02 9.37 -7.10
CA GLY A 181 9.64 9.46 -7.57
C GLY A 181 8.89 8.14 -7.66
N TYR A 182 9.48 7.03 -7.17
CA TYR A 182 8.82 5.74 -7.15
C TYR A 182 8.09 5.50 -5.83
N ILE A 183 7.14 4.54 -5.86
CA ILE A 183 6.26 4.25 -4.73
C ILE A 183 6.92 3.34 -3.71
N GLN A 184 6.60 3.57 -2.43
CA GLN A 184 6.91 2.65 -1.34
C GLN A 184 5.65 2.32 -0.55
N VAL A 185 5.38 1.02 -0.42
CA VAL A 185 4.28 0.49 0.40
C VAL A 185 4.84 0.15 1.79
N THR A 186 4.17 0.59 2.88
CA THR A 186 4.75 0.47 4.24
C THR A 186 3.96 -0.36 5.24
N ASP A 187 2.61 -0.31 5.18
CA ASP A 187 1.75 -0.84 6.23
C ASP A 187 1.30 -2.27 5.92
N PHE A 188 1.57 -3.18 6.85
CA PHE A 188 1.20 -4.58 6.64
C PHE A 188 0.39 -5.16 7.79
N GLY A 189 -0.15 -4.32 8.67
CA GLY A 189 -0.93 -4.82 9.79
C GLY A 189 -2.16 -5.60 9.37
N PHE A 190 -2.80 -5.18 8.29
CA PHE A 190 -4.03 -5.84 7.85
C PHE A 190 -3.77 -6.91 6.79
N ALA A 191 -2.52 -7.11 6.38
CA ALA A 191 -2.21 -8.13 5.39
C ALA A 191 -2.37 -9.50 6.03
N LYS A 192 -2.69 -10.52 5.23
CA LYS A 192 -2.89 -11.87 5.75
C LYS A 192 -2.39 -12.88 4.74
N ARG A 193 -1.76 -13.93 5.22
CA ARG A 193 -1.41 -15.06 4.36
C ARG A 193 -2.67 -15.91 4.24
N VAL A 194 -3.24 -15.96 3.04
CA VAL A 194 -4.42 -16.79 2.81
C VAL A 194 -4.34 -17.34 1.40
N LYS A 195 -4.30 -18.67 1.27
CA LYS A 195 -4.32 -19.28 -0.05
C LYS A 195 -5.73 -19.35 -0.60
N GLY A 196 -6.71 -19.46 0.28
CA GLY A 196 -8.10 -19.62 -0.12
C GLY A 196 -8.91 -18.39 0.20
N ARG A 197 -9.83 -18.51 1.15
CA ARG A 197 -10.71 -17.41 1.53
C ARG A 197 -10.42 -16.95 2.95
N THR A 198 -10.88 -15.74 3.24
CA THR A 198 -10.86 -15.20 4.60
C THR A 198 -12.11 -14.31 4.78
N TRP A 199 -12.40 -13.93 6.03
CA TRP A 199 -13.70 -13.32 6.33
C TRP A 199 -13.70 -11.98 7.10
N TPO A 200 -12.55 -11.46 7.53
CA TPO A 200 -12.55 -10.26 8.38
CB TPO A 200 -11.16 -10.03 9.00
CG2 TPO A 200 -11.21 -8.89 10.05
OG1 TPO A 200 -10.69 -11.21 9.66
P TPO A 200 -9.38 -11.89 8.94
O1P TPO A 200 -9.23 -13.30 9.66
O2P TPO A 200 -8.17 -11.06 9.22
O3P TPO A 200 -9.61 -12.02 7.36
C TPO A 200 -13.05 -8.99 7.68
O TPO A 200 -12.64 -8.67 6.56
H TPO A 200 -11.77 -11.77 7.35
HA TPO A 200 -13.16 -10.43 9.13
HB TPO A 200 -10.45 -9.75 8.21
HG21 TPO A 200 -10.22 -8.74 10.46
HG22 TPO A 200 -11.90 -9.17 10.84
HG23 TPO A 200 -11.55 -7.97 9.58
N LEU A 201 -13.97 -8.28 8.32
CA LEU A 201 -14.30 -6.94 7.90
C LEU A 201 -13.14 -5.98 8.25
N CYS A 202 -12.42 -5.53 7.24
CA CYS A 202 -11.33 -4.56 7.46
C CYS A 202 -11.02 -3.81 6.17
N GLY A 203 -10.50 -2.60 6.36
CA GLY A 203 -10.18 -1.72 5.26
C GLY A 203 -10.75 -0.34 5.49
N THR A 204 -10.81 0.44 4.42
CA THR A 204 -11.25 1.82 4.47
C THR A 204 -12.49 1.95 3.58
N PRO A 205 -13.57 2.62 4.02
CA PRO A 205 -14.85 2.50 3.30
C PRO A 205 -14.78 2.70 1.79
N GLU A 206 -14.15 3.77 1.32
CA GLU A 206 -14.11 4.08 -0.12
C GLU A 206 -13.45 2.96 -0.93
N TYR A 207 -12.59 2.16 -0.30
CA TYR A 207 -11.75 1.18 -1.01
C TYR A 207 -12.21 -0.25 -0.79
N LEU A 208 -13.32 -0.46 -0.06
CA LEU A 208 -13.83 -1.82 0.22
C LEU A 208 -14.51 -2.44 -1.00
N ALA A 209 -14.12 -3.67 -1.32
CA ALA A 209 -14.83 -4.44 -2.33
C ALA A 209 -16.23 -4.83 -1.88
N PRO A 210 -17.16 -5.00 -2.82
CA PRO A 210 -18.53 -5.38 -2.43
C PRO A 210 -18.61 -6.65 -1.60
N GLU A 211 -17.81 -7.68 -1.91
CA GLU A 211 -17.92 -8.92 -1.16
C GLU A 211 -17.49 -8.77 0.30
N ILE A 212 -16.64 -7.79 0.61
CA ILE A 212 -16.34 -7.51 2.02
C ILE A 212 -17.56 -6.88 2.68
N ILE A 213 -18.13 -5.86 2.05
CA ILE A 213 -19.30 -5.18 2.59
C ILE A 213 -20.43 -6.16 2.83
N LEU A 214 -20.60 -7.11 1.92
CA LEU A 214 -21.70 -8.04 2.01
C LEU A 214 -21.40 -9.22 2.93
N SER A 215 -20.32 -9.17 3.69
CA SER A 215 -20.01 -10.17 4.72
C SER A 215 -19.85 -11.56 4.10
N LYS A 216 -19.19 -11.62 2.96
CA LYS A 216 -18.89 -12.89 2.31
C LYS A 216 -17.48 -13.33 2.64
N GLY A 217 -17.21 -14.63 2.48
CA GLY A 217 -15.84 -15.07 2.32
C GLY A 217 -15.25 -14.45 1.05
N TYR A 218 -14.01 -13.99 1.13
CA TYR A 218 -13.40 -13.32 -0.02
C TYR A 218 -11.94 -13.71 -0.16
N ASN A 219 -11.35 -13.31 -1.30
CA ASN A 219 -10.01 -13.74 -1.69
C ASN A 219 -9.21 -12.54 -2.20
N LYS A 220 -8.03 -12.84 -2.77
CA LYS A 220 -7.12 -11.78 -3.22
C LYS A 220 -7.75 -10.84 -4.27
N ALA A 221 -8.88 -11.19 -4.86
CA ALA A 221 -9.51 -10.28 -5.81
C ALA A 221 -9.93 -8.96 -5.18
N VAL A 222 -10.04 -8.87 -3.85
CA VAL A 222 -10.38 -7.58 -3.24
C VAL A 222 -9.27 -6.56 -3.49
N ASP A 223 -8.03 -7.03 -3.67
CA ASP A 223 -6.92 -6.12 -3.94
C ASP A 223 -7.02 -5.53 -5.35
N TRP A 224 -7.54 -6.30 -6.32
CA TRP A 224 -7.70 -5.80 -7.67
C TRP A 224 -8.86 -4.81 -7.76
N TRP A 225 -9.94 -5.05 -6.99
CA TRP A 225 -10.98 -4.03 -6.85
C TRP A 225 -10.39 -2.73 -6.33
N ALA A 226 -9.60 -2.82 -5.24
CA ALA A 226 -9.00 -1.62 -4.67
C ALA A 226 -8.04 -0.91 -5.63
N LEU A 227 -7.32 -1.65 -6.47
CA LEU A 227 -6.53 -1.01 -7.51
C LEU A 227 -7.40 -0.15 -8.43
N GLY A 228 -8.57 -0.69 -8.79
CA GLY A 228 -9.51 0.09 -9.59
C GLY A 228 -9.91 1.40 -8.92
N VAL A 229 -10.22 1.34 -7.62
CA VAL A 229 -10.53 2.58 -6.87
C VAL A 229 -9.33 3.55 -6.92
N LEU A 230 -8.11 3.03 -6.72
CA LEU A 230 -6.92 3.89 -6.67
C LEU A 230 -6.66 4.54 -8.02
N ILE A 231 -6.74 3.78 -9.11
CA ILE A 231 -6.52 4.36 -10.43
C ILE A 231 -7.55 5.46 -10.70
N TYR A 232 -8.82 5.17 -10.41
CA TYR A 232 -9.88 6.17 -10.56
C TYR A 232 -9.54 7.44 -9.79
N GLU A 233 -9.22 7.30 -8.49
CA GLU A 233 -8.99 8.50 -7.67
C GLU A 233 -7.75 9.27 -8.14
N MET A 234 -6.67 8.56 -8.53
CA MET A 234 -5.50 9.26 -9.06
C MET A 234 -5.84 10.08 -10.29
N ALA A 235 -6.63 9.51 -11.22
CA ALA A 235 -6.91 10.17 -12.50
C ALA A 235 -8.04 11.20 -12.43
N ALA A 236 -8.98 11.05 -11.48
CA ALA A 236 -10.08 12.00 -11.32
C ALA A 236 -9.85 13.07 -10.26
N GLY A 237 -9.08 12.73 -9.22
CA GLY A 237 -8.90 13.58 -8.06
C GLY A 237 -9.87 13.28 -6.93
N TYR A 238 -10.82 12.39 -7.15
CA TYR A 238 -11.77 11.95 -6.14
C TYR A 238 -12.11 10.50 -6.44
N PRO A 239 -12.59 9.75 -5.45
CA PRO A 239 -12.83 8.32 -5.64
C PRO A 239 -14.15 8.05 -6.34
N PRO A 240 -14.37 6.83 -6.83
CA PRO A 240 -15.60 6.54 -7.58
C PRO A 240 -16.85 6.50 -6.73
N PHE A 241 -16.73 6.17 -5.43
CA PHE A 241 -17.88 6.04 -4.54
C PHE A 241 -17.63 6.85 -3.28
N PHE A 242 -18.43 7.90 -3.09
CA PHE A 242 -18.32 8.71 -1.88
C PHE A 242 -19.69 9.21 -1.47
N ALA A 243 -19.79 9.60 -0.20
CA ALA A 243 -21.00 10.11 0.42
C ALA A 243 -20.66 10.65 1.81
N ASP A 244 -21.66 11.26 2.46
CA ASP A 244 -21.47 11.82 3.80
C ASP A 244 -21.11 10.75 4.83
N GLN A 245 -21.69 9.58 4.71
CA GLN A 245 -21.54 8.56 5.73
C GLN A 245 -21.21 7.22 5.09
N PRO A 246 -20.42 6.38 5.77
CA PRO A 246 -20.03 5.09 5.18
C PRO A 246 -21.19 4.23 4.67
N ILE A 247 -22.34 4.15 5.34
CA ILE A 247 -23.39 3.26 4.85
C ILE A 247 -23.85 3.68 3.46
N GLN A 248 -23.88 4.99 3.19
CA GLN A 248 -24.25 5.46 1.85
C GLN A 248 -23.17 5.14 0.83
N ILE A 249 -21.89 5.19 1.23
CA ILE A 249 -20.83 4.75 0.32
C ILE A 249 -21.02 3.29 -0.05
N TYR A 250 -21.33 2.45 0.94
CA TYR A 250 -21.48 1.01 0.69
C TYR A 250 -22.61 0.71 -0.28
N GLU A 251 -23.74 1.45 -0.18
CA GLU A 251 -24.86 1.25 -1.10
C GLU A 251 -24.41 1.49 -2.54
N LYS A 252 -23.59 2.51 -2.74
CA LYS A 252 -23.07 2.82 -4.07
C LYS A 252 -22.13 1.72 -4.56
N ILE A 253 -21.22 1.27 -3.69
CA ILE A 253 -20.26 0.24 -4.08
C ILE A 253 -20.98 -1.00 -4.58
N VAL A 254 -21.96 -1.50 -3.82
CA VAL A 254 -22.60 -2.75 -4.23
C VAL A 254 -23.56 -2.60 -5.40
N SER A 255 -23.91 -1.37 -5.81
CA SER A 255 -24.92 -1.15 -6.85
C SER A 255 -24.51 -1.63 -8.25
N GLY A 256 -23.22 -1.76 -8.55
CA GLY A 256 -22.80 -2.07 -9.90
C GLY A 256 -22.80 -0.89 -10.87
N LYS A 257 -23.01 0.33 -10.38
CA LYS A 257 -22.97 1.55 -11.20
C LYS A 257 -21.77 2.38 -10.81
N VAL A 258 -21.04 2.85 -11.81
CA VAL A 258 -19.93 3.78 -11.63
C VAL A 258 -20.00 4.78 -12.79
N ARG A 259 -19.67 6.03 -12.50
N ARG A 259 -19.70 6.05 -12.51
CA ARG A 259 -19.67 7.12 -13.48
CA ARG A 259 -19.68 7.12 -13.49
C ARG A 259 -18.28 7.73 -13.57
C ARG A 259 -18.29 7.74 -13.56
N PHE A 260 -17.94 8.25 -14.74
CA PHE A 260 -16.58 8.72 -15.04
C PHE A 260 -16.55 10.19 -15.49
N PRO A 261 -15.49 10.94 -15.11
CA PRO A 261 -15.26 12.26 -15.73
C PRO A 261 -15.17 12.19 -17.25
N SER A 262 -15.57 13.28 -17.91
CA SER A 262 -15.52 13.29 -19.38
C SER A 262 -14.11 13.27 -19.91
N HIS A 263 -13.11 13.59 -19.08
CA HIS A 263 -11.75 13.58 -19.59
C HIS A 263 -11.09 12.21 -19.51
N PHE A 264 -11.74 11.20 -18.91
CA PHE A 264 -11.19 9.85 -18.93
C PHE A 264 -11.19 9.29 -20.37
N SER A 265 -10.07 8.71 -20.77
CA SER A 265 -9.97 7.99 -22.03
C SER A 265 -10.88 6.75 -22.03
N SER A 266 -11.29 6.32 -23.23
N SER A 266 -11.26 6.31 -23.23
CA SER A 266 -12.07 5.09 -23.34
CA SER A 266 -12.07 5.10 -23.35
C SER A 266 -11.28 3.90 -22.81
C SER A 266 -11.30 3.87 -22.91
N ASP A 267 -9.97 3.85 -23.09
CA ASP A 267 -9.18 2.73 -22.58
C ASP A 267 -9.21 2.69 -21.05
N LEU A 268 -9.10 3.85 -20.40
CA LEU A 268 -9.15 3.90 -18.93
C LEU A 268 -10.51 3.43 -18.41
N LYS A 269 -11.60 3.90 -19.03
CA LYS A 269 -12.94 3.48 -18.59
C LYS A 269 -13.13 1.98 -18.74
N ASP A 270 -12.60 1.40 -19.83
CA ASP A 270 -12.75 -0.04 -20.03
C ASP A 270 -12.01 -0.82 -18.94
N LEU A 271 -10.76 -0.43 -18.64
CA LEU A 271 -10.03 -1.08 -17.57
C LEU A 271 -10.78 -0.96 -16.25
N LEU A 272 -11.27 0.24 -15.93
CA LEU A 272 -11.90 0.45 -14.63
C LEU A 272 -13.22 -0.32 -14.52
N ARG A 273 -13.98 -0.43 -15.61
CA ARG A 273 -15.20 -1.25 -15.54
C ARG A 273 -14.90 -2.72 -15.27
N ASN A 274 -13.75 -3.23 -15.74
CA ASN A 274 -13.36 -4.60 -15.51
C ASN A 274 -12.68 -4.84 -14.15
N LEU A 275 -12.10 -3.80 -13.51
CA LEU A 275 -11.61 -3.92 -12.13
C LEU A 275 -12.70 -3.67 -11.10
N LEU A 276 -13.55 -2.67 -11.32
CA LEU A 276 -14.69 -2.31 -10.46
C LEU A 276 -15.93 -3.11 -10.87
N GLN A 277 -15.70 -4.42 -10.99
CA GLN A 277 -16.70 -5.39 -11.41
C GLN A 277 -17.22 -6.10 -10.17
N VAL A 278 -18.52 -5.93 -9.88
CA VAL A 278 -19.09 -6.53 -8.68
C VAL A 278 -19.15 -8.05 -8.81
N ASP A 279 -19.32 -8.56 -10.02
CA ASP A 279 -19.41 -10.00 -10.30
C ASP A 279 -18.01 -10.59 -10.29
N LEU A 280 -17.69 -11.37 -9.25
CA LEU A 280 -16.38 -11.97 -9.14
C LEU A 280 -16.04 -12.87 -10.32
N THR A 281 -17.03 -13.47 -10.99
CA THR A 281 -16.69 -14.32 -12.13
C THR A 281 -16.25 -13.52 -13.34
N LYS A 282 -16.30 -12.19 -13.26
CA LYS A 282 -15.94 -11.35 -14.38
C LYS A 282 -14.83 -10.35 -14.05
N ARG A 283 -14.33 -10.30 -12.81
CA ARG A 283 -13.39 -9.26 -12.43
C ARG A 283 -11.97 -9.59 -12.90
N PHE A 284 -11.35 -8.61 -13.54
CA PHE A 284 -9.94 -8.72 -13.93
C PHE A 284 -9.09 -8.94 -12.69
N GLY A 285 -8.12 -9.83 -12.84
CA GLY A 285 -7.31 -10.32 -11.74
C GLY A 285 -7.85 -11.59 -11.12
N ASN A 286 -9.10 -11.94 -11.41
CA ASN A 286 -9.74 -13.12 -10.82
C ASN A 286 -10.14 -14.16 -11.86
N LEU A 287 -9.67 -14.02 -13.10
CA LEU A 287 -10.04 -14.93 -14.18
C LEU A 287 -8.92 -15.92 -14.45
N LYS A 288 -9.16 -16.83 -15.40
CA LYS A 288 -8.18 -17.88 -15.73
C LYS A 288 -6.81 -17.30 -16.10
N ASN A 289 -6.80 -16.17 -16.80
N ASN A 289 -6.78 -16.17 -16.81
CA ASN A 289 -5.61 -15.48 -17.27
CA ASN A 289 -5.50 -15.60 -17.22
C ASN A 289 -4.92 -14.66 -16.18
C ASN A 289 -4.88 -14.68 -16.16
N GLY A 290 -5.49 -14.58 -14.98
CA GLY A 290 -4.83 -13.94 -13.85
C GLY A 290 -4.43 -12.50 -14.09
N VAL A 291 -3.24 -12.13 -13.61
CA VAL A 291 -2.80 -10.75 -13.69
C VAL A 291 -2.57 -10.34 -15.14
N ASN A 292 -2.46 -11.30 -16.05
CA ASN A 292 -2.17 -10.96 -17.45
C ASN A 292 -3.31 -10.16 -18.08
N ASP A 293 -4.56 -10.36 -17.63
CA ASP A 293 -5.66 -9.56 -18.18
C ASP A 293 -5.45 -8.07 -17.89
N ILE A 294 -4.83 -7.75 -16.76
CA ILE A 294 -4.53 -6.36 -16.41
C ILE A 294 -3.29 -5.88 -17.18
N LYS A 295 -2.20 -6.65 -17.11
CA LYS A 295 -0.93 -6.19 -17.66
C LYS A 295 -1.00 -6.03 -19.18
N ASN A 296 -1.89 -6.78 -19.84
CA ASN A 296 -2.01 -6.76 -21.29
C ASN A 296 -3.15 -5.88 -21.79
N HIS A 297 -3.80 -5.16 -20.89
CA HIS A 297 -4.89 -4.27 -21.28
C HIS A 297 -4.35 -3.11 -22.10
N LYS A 298 -5.16 -2.60 -23.02
CA LYS A 298 -4.76 -1.47 -23.87
C LYS A 298 -4.24 -0.27 -23.08
N TRP A 299 -4.82 0.02 -21.90
CA TRP A 299 -4.37 1.22 -21.18
C TRP A 299 -2.93 1.09 -20.73
N PHE A 300 -2.39 -0.13 -20.62
CA PHE A 300 -1.01 -0.35 -20.24
C PHE A 300 -0.12 -0.67 -21.43
N ALA A 301 -0.57 -0.42 -22.66
CA ALA A 301 0.18 -0.87 -23.82
C ALA A 301 1.57 -0.22 -23.90
N THR A 302 1.71 1.02 -23.41
CA THR A 302 3.00 1.72 -23.42
C THR A 302 3.88 1.40 -22.21
N THR A 303 3.40 0.59 -21.26
CA THR A 303 4.18 0.25 -20.08
C THR A 303 5.21 -0.85 -20.39
N ASP A 304 6.48 -0.55 -20.09
CA ASP A 304 7.58 -1.52 -20.14
C ASP A 304 7.74 -2.06 -18.72
N TRP A 305 7.15 -3.23 -18.46
CA TRP A 305 7.07 -3.75 -17.10
C TRP A 305 8.46 -4.00 -16.49
N ILE A 306 9.38 -4.57 -17.29
CA ILE A 306 10.74 -4.79 -16.77
C ILE A 306 11.43 -3.47 -16.44
N ALA A 307 11.24 -2.46 -17.29
CA ALA A 307 11.87 -1.18 -17.01
C ALA A 307 11.32 -0.54 -15.74
N ILE A 308 10.02 -0.71 -15.44
CA ILE A 308 9.45 -0.21 -14.19
C ILE A 308 10.09 -0.95 -13.02
N TYR A 309 10.18 -2.29 -13.12
CA TYR A 309 10.79 -3.08 -12.05
C TYR A 309 12.23 -2.67 -11.80
N GLN A 310 13.00 -2.43 -12.87
CA GLN A 310 14.40 -2.02 -12.76
C GLN A 310 14.58 -0.55 -12.38
N ARG A 311 13.50 0.20 -12.30
CA ARG A 311 13.54 1.61 -11.91
C ARG A 311 14.32 2.43 -12.93
N LYS A 312 14.18 2.08 -14.22
CA LYS A 312 14.87 2.79 -15.29
C LYS A 312 13.97 3.77 -16.00
N VAL A 313 12.69 3.83 -15.66
CA VAL A 313 11.77 4.81 -16.24
C VAL A 313 11.91 6.14 -15.50
N GLU A 314 11.94 7.24 -16.25
CA GLU A 314 12.00 8.56 -15.63
C GLU A 314 10.65 8.89 -15.00
N ALA A 315 10.66 9.22 -13.71
CA ALA A 315 9.41 9.48 -13.02
C ALA A 315 8.78 10.79 -13.53
N PRO A 316 7.45 10.87 -13.54
CA PRO A 316 6.80 12.12 -13.97
C PRO A 316 6.92 13.24 -12.96
N PHE A 317 7.27 12.92 -11.72
CA PHE A 317 7.23 13.86 -10.61
C PHE A 317 8.31 13.48 -9.60
N ILE A 318 9.19 14.41 -9.28
CA ILE A 318 10.21 14.23 -8.25
C ILE A 318 9.88 15.18 -7.09
N PRO A 319 9.59 14.67 -5.89
CA PRO A 319 9.33 15.57 -4.76
C PRO A 319 10.52 16.46 -4.43
N LYS A 320 10.22 17.60 -3.83
CA LYS A 320 11.26 18.49 -3.33
C LYS A 320 12.14 17.78 -2.30
N PHE A 321 13.46 18.01 -2.40
CA PHE A 321 14.41 17.35 -1.51
C PHE A 321 15.58 18.29 -1.27
N LYS A 322 15.74 18.73 -0.02
CA LYS A 322 16.79 19.67 0.34
C LYS A 322 18.01 18.98 0.94
N GLY A 323 17.94 17.67 1.19
CA GLY A 323 19.04 16.94 1.77
C GLY A 323 18.54 15.85 2.69
N PRO A 324 19.44 14.99 3.17
CA PRO A 324 19.00 13.95 4.10
C PRO A 324 18.36 14.60 5.32
N GLY A 325 17.37 13.92 5.87
CA GLY A 325 16.68 14.44 7.02
C GLY A 325 15.67 15.53 6.73
N ASP A 326 15.51 15.95 5.48
CA ASP A 326 14.46 16.92 5.12
C ASP A 326 13.09 16.30 5.35
N THR A 327 12.25 16.98 6.15
CA THR A 327 10.92 16.49 6.50
C THR A 327 9.80 17.35 5.91
N SER A 328 10.11 18.21 4.94
CA SER A 328 9.13 19.19 4.47
C SER A 328 7.94 18.58 3.74
N ASN A 329 8.00 17.30 3.33
CA ASN A 329 6.88 16.69 2.64
C ASN A 329 5.92 15.97 3.60
N PHE A 330 6.16 16.08 4.91
CA PHE A 330 5.30 15.52 5.94
C PHE A 330 4.71 16.64 6.79
N ASP A 331 3.67 16.31 7.54
CA ASP A 331 2.98 17.27 8.38
C ASP A 331 3.73 17.50 9.69
N ASP A 332 3.29 18.52 10.41
CA ASP A 332 3.83 18.89 11.71
C ASP A 332 2.91 18.33 12.79
N TYR A 333 3.51 17.76 13.83
CA TYR A 333 2.76 17.12 14.90
C TYR A 333 3.29 17.58 16.24
N GLU A 334 2.42 17.62 17.24
CA GLU A 334 2.87 17.88 18.60
C GLU A 334 3.78 16.77 19.05
N GLU A 335 4.97 17.15 19.49
CA GLU A 335 5.93 16.17 19.98
C GLU A 335 5.59 15.79 21.42
N GLU A 336 5.87 14.53 21.77
CA GLU A 336 5.62 14.00 23.10
C GLU A 336 6.76 13.05 23.44
N GLU A 337 7.41 13.27 24.58
CA GLU A 337 8.54 12.42 24.94
C GLU A 337 8.09 10.97 25.03
N ILE A 338 9.06 10.06 24.92
CA ILE A 338 8.81 8.63 24.99
C ILE A 338 9.35 8.15 26.33
N ARG A 339 8.45 7.71 27.21
CA ARG A 339 8.81 7.24 28.53
C ARG A 339 8.92 5.71 28.51
N VAL A 340 9.95 5.21 29.20
CA VAL A 340 10.16 3.79 29.35
C VAL A 340 9.96 3.45 30.83
N SEP A 341 9.00 2.58 31.12
CA SEP A 341 8.65 2.25 32.50
CB SEP A 341 7.31 1.51 32.57
OG SEP A 341 7.10 0.93 33.85
C SEP A 341 9.75 1.42 33.14
O SEP A 341 10.48 0.70 32.44
P SEP A 341 6.41 1.96 34.87
O1P SEP A 341 5.80 1.11 36.09
O2P SEP A 341 7.55 2.99 35.41
O3P SEP A 341 5.22 2.79 34.17
H SEP A 341 8.52 2.16 30.53
HA SEP A 341 8.57 3.08 33.02
HB2 SEP A 341 7.32 0.81 31.91
HB3 SEP A 341 6.60 2.13 32.38
N ILE A 342 9.87 1.50 34.47
CA ILE A 342 10.86 0.72 35.18
C ILE A 342 10.40 -0.74 35.23
N ASN A 343 9.17 -0.99 34.81
CA ASN A 343 8.53 -2.30 34.91
C ASN A 343 8.10 -2.77 33.52
N GLU A 344 8.55 -3.96 33.15
CA GLU A 344 8.18 -4.54 31.86
C GLU A 344 6.67 -4.71 31.75
N LYS A 345 6.09 -4.21 30.66
CA LYS A 345 4.68 -4.35 30.39
C LYS A 345 4.45 -5.40 29.31
N CYS A 346 3.44 -6.25 29.53
CA CYS A 346 2.91 -7.13 28.48
C CYS A 346 3.99 -8.04 27.91
N GLY A 347 4.87 -8.56 28.77
CA GLY A 347 5.98 -9.37 28.27
C GLY A 347 5.52 -10.61 27.53
N LYS A 348 4.60 -11.37 28.13
CA LYS A 348 4.19 -12.65 27.55
C LYS A 348 3.62 -12.45 26.15
N GLU A 349 2.72 -11.48 26.01
CA GLU A 349 2.03 -11.31 24.74
C GLU A 349 2.99 -11.07 23.58
N PHE A 350 4.08 -10.35 23.81
CA PHE A 350 4.96 -9.90 22.73
C PHE A 350 6.28 -10.66 22.72
N THR A 351 6.27 -11.87 23.27
CA THR A 351 7.51 -12.63 23.40
C THR A 351 8.16 -12.94 22.04
N GLU A 352 7.37 -13.02 20.95
CA GLU A 352 7.92 -13.33 19.63
C GLU A 352 8.50 -12.11 18.91
N PHE A 353 8.16 -10.90 19.33
CA PHE A 353 8.62 -9.71 18.64
C PHE A 353 10.14 -9.58 18.75
N THR B 1 -21.58 19.96 -9.61
CA THR B 1 -20.66 19.03 -10.28
C THR B 1 -20.29 17.87 -9.39
N THR B 2 -19.71 16.82 -9.98
CA THR B 2 -19.23 15.72 -9.16
C THR B 2 -18.16 16.19 -8.18
N TYR B 3 -17.24 17.04 -8.62
CA TYR B 3 -16.23 17.59 -7.70
C TYR B 3 -16.89 18.33 -6.54
N ALA B 4 -17.89 19.16 -6.83
CA ALA B 4 -18.61 19.85 -5.75
C ALA B 4 -19.24 18.85 -4.78
N ASP B 5 -19.80 17.76 -5.30
CA ASP B 5 -20.39 16.74 -4.42
C ASP B 5 -19.32 16.13 -3.52
N PHE B 6 -18.10 15.95 -4.05
CA PHE B 6 -17.01 15.40 -3.27
C PHE B 6 -16.64 16.34 -2.12
N ILE B 7 -16.49 17.63 -2.42
CA ILE B 7 -16.24 18.60 -1.35
C ILE B 7 -17.37 18.55 -0.30
N ALA B 8 -18.62 18.45 -0.76
CA ALA B 8 -19.76 18.43 0.16
C ALA B 8 -19.79 17.19 1.06
N SER B 9 -19.15 16.09 0.65
CA SER B 9 -19.17 14.86 1.46
C SER B 9 -18.46 15.02 2.80
N GLY B 10 -17.54 15.98 2.91
CA GLY B 10 -16.73 16.08 4.10
C GLY B 10 -15.66 15.03 4.24
N ARG B 11 -15.45 14.20 3.20
CA ARG B 11 -14.45 13.14 3.27
C ARG B 11 -13.30 13.41 2.31
N THR B 12 -12.77 14.65 2.34
CA THR B 12 -11.64 15.01 1.50
C THR B 12 -10.30 14.87 2.21
N GLY B 13 -10.28 14.70 3.53
CA GLY B 13 -9.05 14.54 4.28
C GLY B 13 -8.68 13.07 4.38
N ARG B 14 -7.64 12.81 5.17
CA ARG B 14 -7.17 11.44 5.37
C ARG B 14 -8.26 10.58 6.00
N ARG B 15 -8.45 9.40 5.43
CA ARG B 15 -9.55 8.50 5.76
C ARG B 15 -9.06 7.39 6.68
N ASN B 16 -9.78 7.19 7.78
CA ASN B 16 -9.41 6.12 8.71
C ASN B 16 -9.91 4.77 8.23
N ALA B 17 -9.20 3.73 8.61
CA ALA B 17 -9.72 2.38 8.45
C ALA B 17 -10.87 2.12 9.42
N ILE B 18 -11.65 1.07 9.13
CA ILE B 18 -12.84 0.69 9.91
C ILE B 18 -12.51 0.47 11.39
N HIS B 19 -11.39 -0.17 11.67
CA HIS B 19 -11.16 -0.58 13.06
C HIS B 19 -10.99 0.60 13.99
N ASP B 20 -10.74 1.80 13.46
CA ASP B 20 -10.49 3.00 14.28
C ASP B 20 -11.79 3.73 14.66
C2 6TY C . 1.76 4.74 6.46
C5 6TY C . 5.75 6.06 7.66
N 6TY C . 0.81 4.75 7.56
C8 6TY C . 7.61 4.07 7.09
C9 6TY C . 7.92 5.42 6.75
C10 6TY C . 6.99 6.44 7.05
C11 6TY C . 7.33 7.77 6.71
C12 6TY C . 8.52 8.01 6.09
C13 6TY C . 9.11 5.80 6.09
C 6TY C . 1.46 7.19 6.02
O 6TY C . 4.46 8.13 6.80
O1 6TY C . 4.54 7.69 9.24
S 6TY C . 4.44 7.21 7.90
N1 6TY C . 3.04 6.38 7.76
C4 6TY C . 2.19 6.21 8.95
C3 6TY C . 1.50 4.87 8.87
C1 6TY C . 2.43 6.09 6.43
N2 6TY C . 9.40 7.06 5.75
C7 6TY C . 6.42 3.75 7.68
C6 6TY C . 5.49 4.74 7.96
C1 MPD D . 10.60 -9.20 -12.55
C2 MPD D . 9.09 -8.87 -12.59
O2 MPD D . 8.45 -9.60 -13.68
CM MPD D . 8.88 -7.43 -12.97
C3 MPD D . 8.50 -9.14 -11.18
C4 MPD D . 7.04 -9.62 -10.99
O4 MPD D . 6.30 -8.99 -9.93
C5 MPD D . 6.22 -9.64 -12.26
C MOH E . -10.81 17.12 -9.55
O MOH E . -9.50 17.62 -9.73
C MOH F . 5.56 -1.66 -23.88
O MOH F . 6.73 -0.91 -24.06
#